data_9O9I
#
_entry.id   9O9I
#
_cell.length_a   42.899
_cell.length_b   42.899
_cell.length_c   172.743
_cell.angle_alpha   90.00
_cell.angle_beta   90.00
_cell.angle_gamma   120.00
#
_symmetry.space_group_name_H-M   'P 32 2 1'
#
loop_
_entity.id
_entity.type
_entity.pdbx_description
1 polymer 'Isoform 2 of Vacuolar protein sorting-associated protein 29'
2 polymer ALA-LYS-VAL-VAL-GLN-ARG-GLU-ASP-VAL-GLU-THR-GLY-LEU-ASP-PRO-LEU-SER-LEU
3 non-polymer 'CACODYLATE ION'
4 water water
#
loop_
_entity_poly.entity_id
_entity_poly.type
_entity_poly.pdbx_seq_one_letter_code
_entity_poly.pdbx_strand_id
1 'polypeptide(L)'
;GSMAGHRLVLVLGDLHIPHRCNSLPAKFKKLLVPGKIQHILCTGNLCTKESYDYLKTLAGDVHIVRGDFDENLNYPEQKV
VTVGQFKIGLIHGHQVIPWGDMASLALLQRQFDVDILISGHTHKFEAFEHENKFYINPGSATGAYNALETNIIPSFVLMD
IQASTVVTYVYQLIGDDVKVERIEYKKS
;
A
2 'polypeptide(L)' AKVVQREDVETGLDPLSL B
#
# COMPACT_ATOMS: atom_id res chain seq x y z
N ALA A 4 11.45 -5.84 -19.71
CA ALA A 4 10.60 -5.70 -18.52
C ALA A 4 10.78 -6.92 -17.62
N GLY A 5 9.78 -7.80 -17.60
CA GLY A 5 9.83 -8.99 -16.79
C GLY A 5 9.56 -8.79 -15.31
N HIS A 6 9.53 -7.55 -14.83
CA HIS A 6 9.17 -7.26 -13.45
C HIS A 6 7.68 -7.01 -13.33
N ARG A 7 7.10 -7.44 -12.22
CA ARG A 7 5.73 -7.08 -11.88
C ARG A 7 5.80 -5.91 -10.89
N LEU A 8 5.25 -4.78 -11.31
CA LEU A 8 5.16 -3.59 -10.48
C LEU A 8 3.78 -3.55 -9.84
N VAL A 9 3.74 -3.62 -8.51
CA VAL A 9 2.49 -3.59 -7.76
C VAL A 9 2.42 -2.30 -6.94
N LEU A 10 1.41 -1.50 -7.22
CA LEU A 10 1.13 -0.33 -6.40
C LEU A 10 0.35 -0.77 -5.17
N VAL A 11 0.77 -0.28 -3.99
CA VAL A 11 0.08 -0.51 -2.73
C VAL A 11 -0.22 0.84 -2.08
N LEU A 12 -1.47 1.05 -1.69
CA LEU A 12 -1.93 2.33 -1.17
C LEU A 12 -3.30 2.14 -0.55
N GLY A 13 -3.74 3.15 0.20
CA GLY A 13 -5.08 3.14 0.73
C GLY A 13 -5.23 4.23 1.77
N ASP A 14 -6.41 4.24 2.39
CA ASP A 14 -6.79 5.26 3.36
C ASP A 14 -6.69 6.67 2.76
N LEU A 15 -7.26 6.84 1.56
CA LEU A 15 -7.25 8.19 0.97
C LEU A 15 -8.23 9.11 1.68
N HIS A 16 -9.37 8.57 2.11
CA HIS A 16 -10.45 9.34 2.72
C HIS A 16 -10.82 10.54 1.86
N ILE A 17 -11.03 10.28 0.59
CA ILE A 17 -11.51 11.28 -0.37
C ILE A 17 -13.00 11.09 -0.57
N PRO A 18 -13.80 12.17 -0.52
CA PRO A 18 -13.41 13.56 -0.35
C PRO A 18 -13.60 14.07 1.08
N HIS A 19 -14.07 13.22 2.01
CA HIS A 19 -14.47 13.72 3.33
C HIS A 19 -13.30 14.32 4.09
N ARG A 20 -12.12 13.72 4.01
CA ARG A 20 -10.97 14.24 4.71
C ARG A 20 -9.97 14.96 3.82
N CYS A 21 -9.96 14.65 2.52
CA CYS A 21 -8.94 15.14 1.61
C CYS A 21 -9.57 15.25 0.23
N ASN A 22 -9.13 16.20 -0.55
CA ASN A 22 -9.76 16.31 -1.86
C ASN A 22 -9.02 15.54 -2.95
N SER A 23 -7.73 15.30 -2.78
CA SER A 23 -6.93 14.65 -3.81
CA SER A 23 -6.92 14.68 -3.82
C SER A 23 -5.65 14.10 -3.20
N LEU A 24 -4.89 13.36 -4.04
CA LEU A 24 -3.51 12.99 -3.73
C LEU A 24 -2.60 14.19 -3.93
N PRO A 25 -1.48 14.25 -3.21
CA PRO A 25 -0.46 15.28 -3.45
C PRO A 25 -0.13 15.37 -4.94
N ALA A 26 -0.01 16.62 -5.41
CA ALA A 26 0.27 16.85 -6.82
C ALA A 26 1.53 16.11 -7.27
N LYS A 27 2.54 16.03 -6.39
CA LYS A 27 3.77 15.33 -6.76
C LYS A 27 3.56 13.83 -6.84
N PHE A 28 2.60 13.29 -6.08
CA PHE A 28 2.27 11.88 -6.21
C PHE A 28 1.60 11.62 -7.54
N LYS A 29 0.69 12.51 -7.94
CA LYS A 29 -0.04 12.34 -9.19
C LYS A 29 0.90 12.38 -10.40
N LYS A 30 1.99 13.16 -10.31
CA LYS A 30 2.95 13.16 -11.41
C LYS A 30 3.68 11.82 -11.52
N LEU A 31 3.90 11.12 -10.40
CA LEU A 31 4.60 9.85 -10.48
C LEU A 31 3.70 8.74 -11.00
N LEU A 32 2.46 8.70 -10.53
CA LEU A 32 1.51 7.66 -10.86
C LEU A 32 0.88 7.96 -12.22
N VAL A 33 1.45 7.40 -13.28
CA VAL A 33 0.91 7.60 -14.62
C VAL A 33 0.54 6.23 -15.22
N PRO A 34 -0.42 6.18 -16.14
CA PRO A 34 -0.78 4.90 -16.77
C PRO A 34 0.42 4.26 -17.45
N GLY A 35 0.33 2.94 -17.59
CA GLY A 35 1.30 2.21 -18.38
C GLY A 35 2.61 1.90 -17.70
N LYS A 36 2.60 1.71 -16.39
CA LYS A 36 3.82 1.27 -15.70
C LYS A 36 3.51 0.20 -14.65
N ILE A 37 2.31 0.25 -14.05
CA ILE A 37 1.95 -0.63 -12.95
C ILE A 37 1.10 -1.78 -13.49
N GLN A 38 1.40 -3.02 -13.06
CA GLN A 38 0.62 -4.22 -13.43
C GLN A 38 -0.58 -4.45 -12.51
N HIS A 39 -0.40 -4.29 -11.21
CA HIS A 39 -1.48 -4.56 -10.27
C HIS A 39 -1.52 -3.48 -9.20
N ILE A 40 -2.73 -3.25 -8.70
CA ILE A 40 -2.94 -2.33 -7.60
C ILE A 40 -3.63 -3.09 -6.48
N LEU A 41 -3.05 -3.02 -5.28
CA LEU A 41 -3.60 -3.62 -4.06
C LEU A 41 -3.95 -2.49 -3.11
N CYS A 42 -5.24 -2.28 -2.89
CA CYS A 42 -5.70 -1.14 -2.11
C CYS A 42 -6.26 -1.62 -0.77
N THR A 43 -5.73 -1.07 0.32
CA THR A 43 -6.16 -1.41 1.68
C THR A 43 -7.56 -0.88 2.00
N GLY A 44 -8.14 -0.04 1.16
CA GLY A 44 -9.49 0.48 1.38
C GLY A 44 -9.51 1.91 1.88
N ASN A 45 -10.73 2.35 2.23
CA ASN A 45 -11.05 3.73 2.57
C ASN A 45 -10.69 4.70 1.43
N LEU A 46 -11.31 4.45 0.31
CA LEU A 46 -11.15 5.27 -0.86
C LEU A 46 -11.58 6.74 -0.73
N CYS A 47 -12.85 7.09 -0.54
CA CYS A 47 -13.93 6.28 -0.04
C CYS A 47 -15.07 6.13 -1.00
N THR A 48 -14.94 6.67 -2.18
CA THR A 48 -16.05 6.71 -3.14
C THR A 48 -15.60 6.20 -4.51
N LYS A 49 -16.58 6.02 -5.39
CA LYS A 49 -16.34 5.45 -6.71
C LYS A 49 -15.35 6.27 -7.53
N GLU A 50 -15.32 7.60 -7.33
CA GLU A 50 -14.38 8.43 -8.08
C GLU A 50 -12.95 7.96 -7.87
N SER A 51 -12.62 7.53 -6.65
CA SER A 51 -11.24 7.08 -6.40
C SER A 51 -11.00 5.71 -7.01
N TYR A 52 -11.99 4.81 -6.94
CA TYR A 52 -11.88 3.56 -7.67
C TYR A 52 -11.65 3.82 -9.15
N ASP A 53 -12.45 4.71 -9.74
CA ASP A 53 -12.31 5.08 -11.14
C ASP A 53 -10.89 5.58 -11.44
N TYR A 54 -10.36 6.45 -10.56
CA TYR A 54 -9.00 6.94 -10.76
C TYR A 54 -8.00 5.79 -10.76
N LEU A 55 -8.14 4.83 -9.84
CA LEU A 55 -7.21 3.70 -9.79
C LEU A 55 -7.26 2.87 -11.06
N LYS A 56 -8.46 2.73 -11.66
CA LYS A 56 -8.58 2.00 -12.90
C LYS A 56 -7.85 2.67 -14.07
N THR A 57 -7.57 3.98 -13.98
CA THR A 57 -6.79 4.61 -15.04
C THR A 57 -5.31 4.28 -14.91
N LEU A 58 -4.88 3.78 -13.75
CA LEU A 58 -3.47 3.53 -13.54
C LEU A 58 -3.07 2.11 -13.86
N ALA A 59 -4.02 1.17 -13.81
CA ALA A 59 -3.74 -0.22 -14.07
C ALA A 59 -5.08 -0.90 -14.29
N GLY A 60 -5.08 -1.92 -15.16
CA GLY A 60 -6.30 -2.67 -15.38
C GLY A 60 -6.49 -3.89 -14.50
N ASP A 61 -5.82 -3.97 -13.35
CA ASP A 61 -6.03 -5.07 -12.39
C ASP A 61 -6.01 -4.48 -10.98
N VAL A 62 -7.17 -4.11 -10.47
CA VAL A 62 -7.31 -3.34 -9.24
C VAL A 62 -7.94 -4.21 -8.16
N HIS A 63 -7.31 -4.28 -6.99
CA HIS A 63 -7.82 -5.05 -5.87
C HIS A 63 -8.03 -4.14 -4.67
N ILE A 64 -9.22 -4.21 -4.11
CA ILE A 64 -9.59 -3.39 -2.98
CA ILE A 64 -9.62 -3.38 -2.98
C ILE A 64 -10.32 -4.25 -1.94
N VAL A 65 -9.98 -4.03 -0.68
CA VAL A 65 -10.69 -4.63 0.46
C VAL A 65 -11.42 -3.51 1.18
N ARG A 66 -12.46 -3.89 1.94
CA ARG A 66 -13.39 -2.91 2.48
C ARG A 66 -12.85 -2.23 3.73
N GLY A 67 -12.74 -0.89 3.69
CA GLY A 67 -12.41 -0.14 4.89
C GLY A 67 -13.63 0.20 5.73
N ASP A 68 -13.40 0.65 6.97
CA ASP A 68 -14.56 0.98 7.80
C ASP A 68 -15.21 2.32 7.43
N PHE A 69 -14.67 3.06 6.47
CA PHE A 69 -15.34 4.23 5.92
C PHE A 69 -15.66 4.09 4.44
N ASP A 70 -15.46 2.91 3.86
CA ASP A 70 -15.77 2.72 2.45
C ASP A 70 -17.29 2.78 2.20
N GLU A 71 -17.68 3.44 1.12
CA GLU A 71 -19.08 3.49 0.73
C GLU A 71 -19.54 2.19 0.09
N ASN A 72 -18.65 1.53 -0.65
CA ASN A 72 -18.98 0.34 -1.41
C ASN A 72 -18.82 -0.86 -0.48
N LEU A 73 -19.95 -1.41 -0.05
CA LEU A 73 -19.98 -2.57 0.82
C LEU A 73 -19.85 -3.90 0.07
N ASN A 74 -19.72 -3.87 -1.26
CA ASN A 74 -19.46 -5.06 -2.06
C ASN A 74 -17.99 -5.49 -2.08
N TYR A 75 -17.07 -4.62 -1.66
CA TYR A 75 -15.67 -5.01 -1.57
C TYR A 75 -15.53 -6.18 -0.60
N PRO A 76 -14.63 -7.12 -0.87
CA PRO A 76 -14.42 -8.21 0.09
C PRO A 76 -13.75 -7.69 1.35
N GLU A 77 -14.00 -8.39 2.45
CA GLU A 77 -13.42 -8.04 3.73
C GLU A 77 -11.91 -8.24 3.75
N GLN A 78 -11.44 -9.34 3.20
CA GLN A 78 -10.02 -9.55 3.01
C GLN A 78 -9.85 -10.32 1.71
N LYS A 79 -8.62 -10.39 1.25
CA LYS A 79 -8.32 -10.95 -0.06
C LYS A 79 -6.94 -11.56 0.00
N VAL A 80 -6.76 -12.72 -0.63
CA VAL A 80 -5.44 -13.32 -0.79
C VAL A 80 -5.16 -13.46 -2.27
N VAL A 81 -4.01 -12.97 -2.73
CA VAL A 81 -3.63 -13.09 -4.12
C VAL A 81 -2.19 -13.58 -4.25
N THR A 82 -1.88 -14.06 -5.45
CA THR A 82 -0.57 -14.56 -5.82
C THR A 82 -0.02 -13.73 -6.97
N VAL A 83 1.20 -13.20 -6.79
CA VAL A 83 1.90 -12.42 -7.81
C VAL A 83 3.32 -12.98 -7.92
N GLY A 84 3.68 -13.48 -9.08
CA GLY A 84 4.98 -14.13 -9.19
C GLY A 84 4.98 -15.33 -8.26
N GLN A 85 6.05 -15.50 -7.48
CA GLN A 85 6.15 -16.59 -6.52
C GLN A 85 5.50 -16.27 -5.18
N PHE A 86 4.94 -15.08 -4.99
CA PHE A 86 4.56 -14.60 -3.67
C PHE A 86 3.05 -14.69 -3.43
N LYS A 87 2.69 -15.24 -2.28
CA LYS A 87 1.31 -15.22 -1.82
C LYS A 87 1.14 -14.01 -0.90
N ILE A 88 0.14 -13.18 -1.20
CA ILE A 88 0.00 -11.88 -0.57
C ILE A 88 -1.40 -11.77 0.03
N GLY A 89 -1.48 -11.31 1.28
CA GLY A 89 -2.75 -11.13 1.97
C GLY A 89 -3.05 -9.66 2.21
N LEU A 90 -4.32 -9.30 2.11
CA LEU A 90 -4.72 -7.90 2.10
C LEU A 90 -5.93 -7.71 3.01
N ILE A 91 -5.82 -6.77 3.93
CA ILE A 91 -6.84 -6.50 4.94
C ILE A 91 -6.76 -5.01 5.27
N HIS A 92 -7.90 -4.34 5.47
CA HIS A 92 -7.79 -2.93 5.84
C HIS A 92 -7.11 -2.73 7.20
N GLY A 93 -7.46 -3.56 8.19
CA GLY A 93 -6.78 -3.55 9.47
C GLY A 93 -7.60 -3.07 10.65
N HIS A 94 -8.71 -2.38 10.44
CA HIS A 94 -9.51 -2.01 11.60
C HIS A 94 -10.08 -3.24 12.31
N GLN A 95 -10.03 -4.43 11.70
CA GLN A 95 -10.39 -5.66 12.39
C GLN A 95 -9.28 -6.18 13.28
N VAL A 96 -8.04 -5.77 13.05
CA VAL A 96 -6.91 -6.25 13.85
C VAL A 96 -6.92 -5.55 15.19
N ILE A 97 -7.04 -6.32 16.28
CA ILE A 97 -7.17 -5.80 17.63
C ILE A 97 -5.99 -6.27 18.46
N PRO A 98 -5.20 -5.36 19.05
CA PRO A 98 -5.33 -3.89 18.99
C PRO A 98 -4.74 -3.32 17.70
N TRP A 99 -4.90 -2.01 17.43
CA TRP A 99 -4.46 -1.41 16.18
C TRP A 99 -3.00 -1.70 15.89
N GLY A 100 -2.74 -2.50 14.85
CA GLY A 100 -1.40 -2.74 14.36
C GLY A 100 -0.47 -3.50 15.28
N ASP A 101 -1.11 -4.29 16.25
CA ASP A 101 -0.27 -5.14 17.10
C ASP A 101 0.42 -6.19 16.22
N MET A 102 1.70 -6.34 16.41
CA MET A 102 2.49 -7.29 15.66
C MET A 102 2.08 -8.72 15.93
N ALA A 103 1.57 -9.00 17.13
CA ALA A 103 1.11 -10.36 17.42
C ALA A 103 -0.18 -10.69 16.67
N SER A 104 -1.15 -9.76 16.65
CA SER A 104 -2.37 -10.00 15.89
C SER A 104 -2.09 -10.16 14.40
N LEU A 105 -1.19 -9.34 13.85
CA LEU A 105 -0.87 -9.47 12.43
C LEU A 105 -0.23 -10.82 12.13
N ALA A 106 0.73 -11.25 12.95
CA ALA A 106 1.35 -12.56 12.74
C ALA A 106 0.32 -13.68 12.79
N LEU A 107 -0.67 -13.58 13.69
CA LEU A 107 -1.80 -14.51 13.68
C LEU A 107 -2.49 -14.55 12.33
N LEU A 108 -2.79 -13.37 11.79
CA LEU A 108 -3.41 -13.29 10.48
C LEU A 108 -2.56 -13.97 9.42
N GLN A 109 -1.25 -13.71 9.42
CA GLN A 109 -0.35 -14.31 8.43
C GLN A 109 -0.46 -15.83 8.41
N ARG A 110 -0.46 -16.47 9.60
CA ARG A 110 -0.60 -17.93 9.67
C ARG A 110 -1.99 -18.37 9.26
N GLN A 111 -3.01 -17.63 9.68
CA GLN A 111 -4.35 -17.96 9.24
C GLN A 111 -4.45 -17.90 7.72
N PHE A 112 -3.95 -16.82 7.10
CA PHE A 112 -4.00 -16.64 5.64
C PHE A 112 -2.98 -17.47 4.88
N ASP A 113 -1.87 -17.85 5.52
CA ASP A 113 -0.75 -18.59 4.90
C ASP A 113 -0.11 -17.78 3.76
N VAL A 114 0.24 -16.52 4.05
CA VAL A 114 0.83 -15.67 3.05
C VAL A 114 2.32 -15.39 3.35
N ASP A 115 3.06 -15.07 2.28
CA ASP A 115 4.42 -14.56 2.42
C ASP A 115 4.43 -13.09 2.85
N ILE A 116 3.44 -12.32 2.41
CA ILE A 116 3.41 -10.88 2.63
C ILE A 116 2.03 -10.55 3.13
N LEU A 117 1.95 -9.79 4.23
CA LEU A 117 0.66 -9.37 4.78
C LEU A 117 0.55 -7.86 4.67
N ILE A 118 -0.43 -7.39 3.90
CA ILE A 118 -0.62 -5.96 3.66
C ILE A 118 -1.83 -5.51 4.46
N SER A 119 -1.67 -4.42 5.21
CA SER A 119 -2.80 -3.86 5.92
C SER A 119 -2.59 -2.36 6.09
N GLY A 120 -3.68 -1.67 6.46
CA GLY A 120 -3.63 -0.24 6.60
C GLY A 120 -4.18 0.23 7.93
N HIS A 121 -5.14 1.16 7.85
CA HIS A 121 -5.89 1.77 8.95
C HIS A 121 -5.15 2.60 10.00
N THR A 122 -3.86 2.43 10.13
CA THR A 122 -3.11 3.21 11.07
C THR A 122 -2.52 4.48 10.50
N HIS A 123 -2.59 4.63 9.19
CA HIS A 123 -2.04 5.76 8.45
C HIS A 123 -0.57 5.94 8.72
N LYS A 124 0.08 4.88 9.13
CA LYS A 124 1.52 4.94 9.39
C LYS A 124 2.22 3.88 8.54
N PHE A 125 3.11 4.32 7.66
CA PHE A 125 3.90 3.40 6.85
C PHE A 125 4.75 2.51 7.74
N GLU A 126 4.71 1.20 7.50
CA GLU A 126 5.69 0.29 8.07
C GLU A 126 5.95 -0.80 7.04
N ALA A 127 7.16 -1.33 7.07
CA ALA A 127 7.54 -2.45 6.21
C ALA A 127 8.65 -3.19 6.93
N PHE A 128 8.38 -4.40 7.41
CA PHE A 128 9.36 -5.14 8.21
C PHE A 128 9.20 -6.64 7.99
N GLU A 129 10.26 -7.38 8.33
CA GLU A 129 10.30 -8.84 8.19
C GLU A 129 10.29 -9.47 9.57
N HIS A 130 9.39 -10.43 9.78
CA HIS A 130 9.16 -11.05 11.08
C HIS A 130 8.93 -12.54 10.85
N GLU A 131 9.95 -13.35 11.14
CA GLU A 131 9.89 -14.81 11.01
C GLU A 131 9.76 -15.25 9.54
N ASN A 132 10.66 -14.72 8.71
CA ASN A 132 10.64 -14.91 7.26
C ASN A 132 9.32 -14.46 6.62
N LYS A 133 8.50 -13.71 7.33
CA LYS A 133 7.25 -13.19 6.79
C LYS A 133 7.37 -11.67 6.67
N PHE A 134 6.75 -11.12 5.64
CA PHE A 134 6.90 -9.70 5.33
C PHE A 134 5.59 -8.99 5.61
N TYR A 135 5.67 -7.83 6.25
CA TYR A 135 4.49 -7.06 6.65
C TYR A 135 4.58 -5.65 6.08
N ILE A 136 3.53 -5.23 5.38
CA ILE A 136 3.54 -3.91 4.74
C ILE A 136 2.30 -3.13 5.17
N ASN A 137 2.52 -1.90 5.59
CA ASN A 137 1.46 -0.93 5.75
C ASN A 137 1.84 0.24 4.86
N PRO A 138 1.02 0.57 3.84
CA PRO A 138 1.40 1.66 2.94
C PRO A 138 1.27 3.04 3.55
N GLY A 139 0.68 3.16 4.75
CA GLY A 139 0.28 4.45 5.26
C GLY A 139 -0.91 4.99 4.47
N SER A 140 -1.06 6.31 4.52
CA SER A 140 -2.13 7.03 3.83
C SER A 140 -1.54 7.86 2.69
N ALA A 141 -2.00 7.59 1.46
CA ALA A 141 -1.47 8.28 0.29
C ALA A 141 -1.90 9.74 0.19
N THR A 142 -2.86 10.18 1.00
CA THR A 142 -3.23 11.58 1.03
C THR A 142 -2.76 12.30 2.29
N GLY A 143 -2.21 11.59 3.26
CA GLY A 143 -1.90 12.22 4.53
C GLY A 143 -3.12 12.53 5.38
N ALA A 144 -4.28 11.93 5.06
CA ALA A 144 -5.48 12.11 5.87
C ALA A 144 -5.24 11.76 7.33
N TYR A 145 -5.74 12.61 8.22
CA TYR A 145 -5.73 12.31 9.63
C TYR A 145 -6.58 11.07 9.93
N ASN A 146 -6.44 10.54 11.13
CA ASN A 146 -7.37 9.51 11.58
C ASN A 146 -7.60 9.73 13.07
N ALA A 147 -8.29 8.79 13.71
CA ALA A 147 -8.27 8.77 15.17
C ALA A 147 -6.85 8.48 15.63
N LEU A 148 -6.46 9.10 16.73
CA LEU A 148 -5.13 8.95 17.35
C LEU A 148 -3.97 9.71 16.69
N GLU A 149 -4.17 10.34 15.53
CA GLU A 149 -3.04 10.97 14.85
C GLU A 149 -3.56 11.96 13.82
N THR A 150 -2.97 13.15 13.81
CA THR A 150 -3.35 14.19 12.85
C THR A 150 -2.20 14.66 11.97
N ASN A 151 -0.95 14.42 12.36
CA ASN A 151 0.22 14.89 11.63
C ASN A 151 0.80 13.73 10.81
N ILE A 152 0.22 13.51 9.64
CA ILE A 152 0.42 12.28 8.88
C ILE A 152 1.23 12.62 7.62
N ILE A 153 2.28 11.84 7.38
CA ILE A 153 3.09 11.97 6.16
C ILE A 153 2.42 11.19 5.03
N PRO A 154 2.09 11.84 3.91
CA PRO A 154 1.50 11.10 2.78
C PRO A 154 2.48 10.08 2.21
N SER A 155 2.01 8.86 1.97
CA SER A 155 2.90 7.84 1.45
C SER A 155 2.13 6.77 0.68
N PHE A 156 2.89 6.00 -0.10
CA PHE A 156 2.41 4.81 -0.77
C PHE A 156 3.61 3.93 -1.09
N VAL A 157 3.32 2.66 -1.40
CA VAL A 157 4.34 1.64 -1.58
C VAL A 157 4.29 1.09 -2.99
N LEU A 158 5.46 0.82 -3.56
CA LEU A 158 5.59 0.15 -4.84
C LEU A 158 6.44 -1.09 -4.63
N MET A 159 5.88 -2.25 -5.00
CA MET A 159 6.55 -3.54 -4.90
C MET A 159 6.98 -3.96 -6.30
N ASP A 160 8.29 -4.14 -6.49
CA ASP A 160 8.86 -4.77 -7.67
C ASP A 160 9.10 -6.25 -7.37
N ILE A 161 8.27 -7.11 -7.94
CA ILE A 161 8.38 -8.55 -7.73
C ILE A 161 9.11 -9.15 -8.93
N GLN A 162 10.19 -9.82 -8.63
CA GLN A 162 10.97 -10.53 -9.63
C GLN A 162 11.59 -11.74 -8.97
N ALA A 163 11.37 -12.89 -9.58
CA ALA A 163 11.85 -14.19 -9.08
C ALA A 163 11.41 -14.31 -7.62
N SER A 164 12.32 -14.54 -6.66
CA SER A 164 11.96 -14.69 -5.26
C SER A 164 12.46 -13.52 -4.41
N THR A 165 12.64 -12.36 -5.03
CA THR A 165 12.91 -11.14 -4.30
C THR A 165 11.76 -10.16 -4.53
N VAL A 166 11.37 -9.47 -3.47
CA VAL A 166 10.45 -8.34 -3.54
C VAL A 166 11.24 -7.11 -3.13
N VAL A 167 11.24 -6.08 -3.98
CA VAL A 167 11.88 -4.80 -3.70
C VAL A 167 10.78 -3.79 -3.42
N THR A 168 10.68 -3.35 -2.18
CA THR A 168 9.57 -2.52 -1.73
C THR A 168 10.06 -1.08 -1.75
N TYR A 169 9.56 -0.28 -2.69
CA TYR A 169 9.84 1.15 -2.65
C TYR A 169 8.79 1.84 -1.81
N VAL A 170 9.21 2.78 -0.97
CA VAL A 170 8.28 3.61 -0.20
C VAL A 170 8.46 5.05 -0.65
N TYR A 171 7.36 5.68 -1.03
CA TYR A 171 7.34 7.08 -1.48
C TYR A 171 6.68 7.92 -0.40
N GLN A 172 7.34 9.03 -0.03
CA GLN A 172 6.85 9.90 1.02
C GLN A 172 6.96 11.35 0.60
N LEU A 173 5.91 12.12 0.87
CA LEU A 173 5.97 13.56 0.72
C LEU A 173 6.46 14.13 2.05
N ILE A 174 7.73 14.52 2.08
CA ILE A 174 8.36 15.12 3.25
C ILE A 174 8.74 16.54 2.86
N GLY A 175 8.25 17.50 3.62
CA GLY A 175 8.35 18.88 3.17
C GLY A 175 7.52 19.03 1.91
N ASP A 176 8.14 19.48 0.82
CA ASP A 176 7.43 19.59 -0.44
C ASP A 176 8.05 18.72 -1.52
N ASP A 177 8.79 17.68 -1.12
CA ASP A 177 9.52 16.84 -2.06
C ASP A 177 9.28 15.37 -1.75
N VAL A 178 9.56 14.53 -2.74
CA VAL A 178 9.33 13.11 -2.64
C VAL A 178 10.64 12.45 -2.23
N LYS A 179 10.59 11.67 -1.16
CA LYS A 179 11.72 10.91 -0.69
C LYS A 179 11.39 9.43 -0.87
N VAL A 180 12.36 8.65 -1.33
CA VAL A 180 12.14 7.28 -1.75
C VAL A 180 13.12 6.37 -1.03
N GLU A 181 12.60 5.34 -0.37
CA GLU A 181 13.43 4.35 0.28
C GLU A 181 13.08 2.98 -0.27
N ARG A 182 13.94 2.01 -0.01
CA ARG A 182 13.77 0.67 -0.53
C ARG A 182 14.11 -0.37 0.54
N ILE A 183 13.34 -1.45 0.55
CA ILE A 183 13.53 -2.57 1.47
C ILE A 183 13.43 -3.85 0.65
N GLU A 184 14.41 -4.74 0.83
CA GLU A 184 14.45 -6.02 0.14
C GLU A 184 13.92 -7.12 1.06
N TYR A 185 13.13 -8.02 0.49
CA TYR A 185 12.63 -9.18 1.21
C TYR A 185 12.81 -10.41 0.34
N LYS A 186 13.34 -11.49 0.93
CA LYS A 186 13.59 -12.74 0.23
C LYS A 186 12.63 -13.84 0.68
N LYS A 187 12.27 -14.71 -0.25
CA LYS A 187 11.21 -15.68 -0.02
C LYS A 187 11.67 -16.91 0.76
N VAL B 4 13.46 -2.74 9.21
CA VAL B 4 14.24 -3.73 8.47
C VAL B 4 14.96 -3.05 7.29
N GLN B 5 16.19 -3.48 6.99
CA GLN B 5 17.08 -2.97 5.92
C GLN B 5 16.60 -1.84 5.00
N ARG B 6 16.36 -0.67 5.57
CA ARG B 6 15.87 0.48 4.83
C ARG B 6 16.91 1.35 4.14
N GLU B 7 17.30 1.01 2.93
CA GLU B 7 18.27 1.82 2.18
C GLU B 7 17.59 2.94 1.40
N ASP B 8 18.23 4.11 1.40
CA ASP B 8 17.80 5.21 0.57
C ASP B 8 18.06 4.89 -0.91
N VAL B 9 17.41 5.65 -1.79
CA VAL B 9 17.45 5.40 -3.22
C VAL B 9 17.74 6.71 -3.92
N GLU B 10 18.70 6.70 -4.83
CA GLU B 10 19.15 7.94 -5.46
C GLU B 10 18.09 8.47 -6.42
N THR B 11 18.04 9.80 -6.52
CA THR B 11 17.18 10.55 -7.43
C THR B 11 17.06 9.88 -8.78
N GLY B 12 15.82 9.54 -9.17
CA GLY B 12 15.59 9.00 -10.48
C GLY B 12 15.98 7.55 -10.66
N LEU B 13 16.13 6.81 -9.56
CA LEU B 13 16.44 5.39 -9.62
C LEU B 13 15.27 4.51 -9.17
N ASP B 14 14.21 5.11 -8.65
CA ASP B 14 12.97 4.40 -8.37
C ASP B 14 12.25 4.05 -9.67
N PRO B 15 11.43 2.98 -9.68
CA PRO B 15 10.76 2.56 -10.92
C PRO B 15 9.86 3.61 -11.54
N LEU B 16 9.21 4.45 -10.74
CA LEU B 16 8.33 5.45 -11.31
C LEU B 16 9.07 6.54 -12.09
N SER B 17 10.39 6.67 -11.91
CA SER B 17 11.20 7.65 -12.65
C SER B 17 12.33 6.92 -13.38
N LEU B 18 12.03 6.41 -14.58
CA LEU B 18 12.95 5.60 -15.42
C LEU B 18 13.18 4.22 -14.80
#